data_6YL2
#
_entry.id   6YL2
#
_cell.length_a   58.409
_cell.length_b   66.000
_cell.length_c   179.732
_cell.angle_alpha   90.000
_cell.angle_beta   90.000
_cell.angle_gamma   90.000
#
_symmetry.space_group_name_H-M   'P 2 2 21'
#
loop_
_entity.id
_entity.type
_entity.pdbx_description
1 polymer 'Probable transcriptional regulatory protein (Probably TetR-family)'
2 polymer "DNA (5'-D(*AP*CP*GP*TP*TP*AP*AP*TP*GP*AP*CP*GP*AP*TP*TP*AP*AP*CP*CP*G)-3')"
3 polymer "DNA (5'-D(*CP*GP*GP*TP*TP*AP*AP*TP*CP*GP*TP*CP*AP*TP*TP*AP*AP*CP*GP*T)-3')"
#
loop_
_entity_poly.entity_id
_entity_poly.type
_entity_poly.pdbx_seq_one_letter_code
_entity_poly.pdbx_strand_id
1 'polypeptide(L)'
;SQLKSDRRFQLLAAAERLFAERGFLAVRLEDIGAAAGVSGPAIYRHFPNKESLLVELLVGVSARLLAGARDVTTRSANLA
AALDGLIEFHLDFALGEADLIRIQDRDLAHLPAVAERQVRKAQRQYVEVWVGVLRELNPGLAEADARLMAHAVFGLLNST
PHSMKAADSKPARTVRARAVLRAMTVAALSAADRCL
;
B,A
2 'polydeoxyribonucleotide' (DA)(DC)(DG)(DT)(DT)(DA)(DA)(DT)(DG)(DA)(DC)(DG)(DA)(DT)(DT)(DA)(DA)(DC)(DC)(DG) G
3 'polydeoxyribonucleotide' (DC)(DG)(DG)(DT)(DT)(DA)(DA)(DT)(DC)(DG)(DT)(DC)(DA)(DT)(DT)(DA)(DA)(DC)(DG)(DT) H
#
loop_
_chem_comp.id
_chem_comp.type
_chem_comp.name
_chem_comp.formula
DA DNA linking 2'-DEOXYADENOSINE-5'-MONOPHOSPHATE 'C10 H14 N5 O6 P'
DC DNA linking 2'-DEOXYCYTIDINE-5'-MONOPHOSPHATE 'C9 H14 N3 O7 P'
DG DNA linking 2'-DEOXYGUANOSINE-5'-MONOPHOSPHATE 'C10 H14 N5 O7 P'
DT DNA linking THYMIDINE-5'-MONOPHOSPHATE 'C10 H15 N2 O8 P'
#
# COMPACT_ATOMS: atom_id res chain seq x y z
N SER A 5 -34.94 8.11 9.53
CA SER A 5 -34.24 7.80 8.24
C SER A 5 -32.73 7.62 8.47
N ASP A 6 -32.04 7.12 7.43
CA ASP A 6 -30.65 6.58 7.39
C ASP A 6 -29.65 7.16 8.43
N ARG A 7 -29.84 6.91 9.72
CA ARG A 7 -28.82 7.30 10.73
C ARG A 7 -27.71 6.26 10.75
N ARG A 8 -28.06 5.00 10.58
CA ARG A 8 -27.11 3.87 10.53
C ARG A 8 -26.09 4.12 9.41
N PHE A 9 -26.60 4.46 8.23
CA PHE A 9 -25.79 4.70 7.01
C PHE A 9 -24.89 5.93 7.21
N GLN A 10 -25.40 6.97 7.89
CA GLN A 10 -24.70 8.26 8.12
C GLN A 10 -23.48 8.00 9.02
N LEU A 11 -23.66 7.19 10.05
CA LEU A 11 -22.56 6.80 10.98
C LEU A 11 -21.51 6.00 10.21
N LEU A 12 -21.89 4.99 9.44
CA LEU A 12 -20.94 4.13 8.70
C LEU A 12 -20.12 4.97 7.73
N ALA A 13 -20.76 5.89 7.01
CA ALA A 13 -20.09 6.75 6.01
C ALA A 13 -19.10 7.70 6.70
N ALA A 14 -19.45 8.25 7.87
CA ALA A 14 -18.55 9.11 8.68
C ALA A 14 -17.37 8.26 9.14
N ALA A 15 -17.65 7.08 9.72
CA ALA A 15 -16.63 6.11 10.20
C ALA A 15 -15.68 5.74 9.06
N GLU A 16 -16.19 5.43 7.87
CA GLU A 16 -15.37 5.08 6.69
C GLU A 16 -14.39 6.22 6.40
N ARG A 17 -14.89 7.45 6.34
CA ARG A 17 -14.06 8.63 5.98
C ARG A 17 -12.99 8.84 7.04
N LEU A 18 -13.37 8.82 8.31
CA LEU A 18 -12.48 9.16 9.44
C LEU A 18 -11.45 8.03 9.66
N PHE A 19 -11.86 6.77 9.63
CA PHE A 19 -10.93 5.61 9.76
C PHE A 19 -9.86 5.67 8.66
N ALA A 20 -10.24 6.07 7.44
CA ALA A 20 -9.30 6.15 6.31
C ALA A 20 -8.27 7.25 6.59
N GLU A 21 -8.75 8.42 7.00
CA GLU A 21 -7.91 9.64 7.17
C GLU A 21 -7.02 9.49 8.41
N ARG A 22 -7.57 9.11 9.55
CA ARG A 22 -6.88 9.19 10.86
C ARG A 22 -6.43 7.81 11.35
N GLY A 23 -6.98 6.72 10.80
CA GLY A 23 -6.78 5.34 11.30
C GLY A 23 -7.77 5.00 12.41
N PHE A 24 -8.05 3.71 12.60
CA PHE A 24 -9.08 3.21 13.52
C PHE A 24 -8.89 3.75 14.94
N LEU A 25 -7.72 3.53 15.51
CA LEU A 25 -7.52 3.76 16.95
C LEU A 25 -7.67 5.26 17.28
N ALA A 26 -7.21 6.15 16.41
CA ALA A 26 -7.16 7.61 16.66
C ALA A 26 -8.52 8.26 16.46
N VAL A 27 -9.53 7.49 16.05
CA VAL A 27 -10.89 8.04 15.82
C VAL A 27 -11.73 7.72 17.06
N ARG A 28 -12.36 8.76 17.61
CA ARG A 28 -13.21 8.70 18.81
C ARG A 28 -14.66 8.59 18.38
N LEU A 29 -15.40 7.68 18.99
CA LEU A 29 -16.83 7.50 18.67
C LEU A 29 -17.48 8.86 18.52
N GLU A 30 -17.17 9.77 19.44
CA GLU A 30 -17.75 11.13 19.50
C GLU A 30 -17.47 11.86 18.19
N ASP A 31 -16.30 11.68 17.59
CA ASP A 31 -15.94 12.29 16.29
C ASP A 31 -16.88 11.79 15.20
N ILE A 32 -17.21 10.49 15.20
CA ILE A 32 -18.10 9.84 14.19
C ILE A 32 -19.53 10.37 14.40
N GLY A 33 -20.02 10.27 15.64
CA GLY A 33 -21.27 10.90 16.09
C GLY A 33 -21.36 12.34 15.61
N ALA A 34 -20.38 13.18 15.98
CA ALA A 34 -20.31 14.62 15.61
C ALA A 34 -20.53 14.76 14.11
N ALA A 35 -19.70 14.10 13.30
CA ALA A 35 -19.71 14.22 11.81
C ALA A 35 -21.04 13.74 11.23
N ALA A 36 -21.69 12.76 11.86
CA ALA A 36 -22.97 12.18 11.37
C ALA A 36 -24.14 13.05 11.83
N GLY A 37 -23.91 14.00 12.74
CA GLY A 37 -24.89 15.01 13.18
C GLY A 37 -25.64 14.50 14.38
N VAL A 38 -24.94 13.89 15.32
CA VAL A 38 -25.54 13.10 16.42
C VAL A 38 -24.44 12.79 17.44
N SER A 39 -23.92 13.85 18.02
CA SER A 39 -22.99 13.80 19.17
C SER A 39 -23.05 12.47 19.92
N GLY A 40 -21.89 12.03 20.36
CA GLY A 40 -21.83 11.23 21.59
C GLY A 40 -21.99 9.77 21.25
N PRO A 41 -22.18 8.97 22.30
CA PRO A 41 -22.28 7.53 22.22
C PRO A 41 -23.73 7.13 21.90
N ALA A 42 -24.49 8.05 21.28
CA ALA A 42 -25.71 7.70 20.52
C ALA A 42 -25.45 6.45 19.68
N ILE A 43 -24.18 6.23 19.33
CA ILE A 43 -23.75 5.23 18.31
C ILE A 43 -24.28 3.87 18.73
N TYR A 44 -24.47 3.69 20.04
CA TYR A 44 -24.73 2.38 20.66
C TYR A 44 -26.17 1.92 20.41
N ARG A 45 -27.05 2.86 20.02
CA ARG A 45 -28.46 2.63 19.59
C ARG A 45 -28.49 2.04 18.17
N HIS A 46 -27.38 2.11 17.44
CA HIS A 46 -27.25 1.56 16.06
C HIS A 46 -26.30 0.35 16.05
N PHE A 47 -25.24 0.36 16.86
CA PHE A 47 -24.10 -0.59 16.85
C PHE A 47 -23.74 -0.90 18.29
N PRO A 48 -23.27 -2.12 18.59
CA PRO A 48 -22.84 -2.46 19.95
C PRO A 48 -21.43 -2.05 20.41
N ASN A 49 -20.62 -1.40 19.55
CA ASN A 49 -19.25 -0.90 19.89
C ASN A 49 -18.49 -0.47 18.63
N LYS A 50 -17.38 0.27 18.81
CA LYS A 50 -16.48 0.75 17.70
C LYS A 50 -16.27 -0.40 16.73
N GLU A 51 -15.69 -1.47 17.24
CA GLU A 51 -15.23 -2.63 16.46
C GLU A 51 -16.28 -3.07 15.45
N SER A 52 -17.56 -3.02 15.82
CA SER A 52 -18.68 -3.47 14.96
C SER A 52 -18.77 -2.56 13.72
N LEU A 53 -18.45 -1.28 13.83
CA LEU A 53 -18.38 -0.41 12.63
C LEU A 53 -17.31 -0.93 11.66
N LEU A 54 -16.10 -1.16 12.18
CA LEU A 54 -14.95 -1.64 11.38
C LEU A 54 -15.33 -2.97 10.72
N VAL A 55 -15.94 -3.88 11.49
CA VAL A 55 -16.37 -5.22 11.02
C VAL A 55 -17.34 -5.06 9.83
N GLU A 56 -18.36 -4.22 9.96
CA GLU A 56 -19.36 -4.03 8.89
C GLU A 56 -18.67 -3.48 7.64
N LEU A 57 -17.77 -2.51 7.80
CA LEU A 57 -17.07 -1.87 6.67
C LEU A 57 -16.26 -2.94 5.91
N LEU A 58 -15.48 -3.76 6.62
CA LEU A 58 -14.46 -4.66 6.01
C LEU A 58 -15.07 -6.00 5.60
N VAL A 59 -16.00 -6.55 6.38
CA VAL A 59 -16.69 -7.80 5.96
C VAL A 59 -17.48 -7.44 4.71
N GLY A 60 -18.06 -6.23 4.66
CA GLY A 60 -18.85 -5.75 3.52
C GLY A 60 -18.02 -5.70 2.25
N VAL A 61 -16.92 -4.96 2.29
CA VAL A 61 -16.11 -4.71 1.08
C VAL A 61 -15.46 -6.02 0.62
N SER A 62 -14.96 -6.84 1.53
CA SER A 62 -14.24 -8.08 1.15
C SER A 62 -15.20 -9.05 0.49
N ALA A 63 -16.45 -9.15 0.97
CA ALA A 63 -17.50 -10.01 0.37
C ALA A 63 -17.87 -9.47 -1.03
N ARG A 64 -18.03 -8.15 -1.16
CA ARG A 64 -18.37 -7.48 -2.43
C ARG A 64 -17.32 -7.78 -3.49
N LEU A 65 -16.05 -7.64 -3.13
CA LEU A 65 -14.92 -7.82 -4.08
C LEU A 65 -14.96 -9.26 -4.61
N LEU A 66 -15.10 -10.24 -3.73
CA LEU A 66 -15.10 -11.66 -4.13
C LEU A 66 -16.30 -11.92 -5.05
N ALA A 67 -17.50 -11.50 -4.64
CA ALA A 67 -18.74 -11.70 -5.42
C ALA A 67 -18.58 -11.06 -6.81
N GLY A 68 -18.04 -9.84 -6.87
CA GLY A 68 -17.87 -9.09 -8.13
C GLY A 68 -16.92 -9.79 -9.07
N ALA A 69 -15.83 -10.29 -8.52
CA ALA A 69 -14.80 -11.00 -9.31
C ALA A 69 -15.41 -12.28 -9.89
N ARG A 70 -16.13 -13.04 -9.08
CA ARG A 70 -16.78 -14.28 -9.57
C ARG A 70 -17.74 -13.94 -10.70
N ASP A 71 -18.55 -12.90 -10.52
CA ASP A 71 -19.52 -12.42 -11.54
C ASP A 71 -18.77 -12.18 -12.86
N VAL A 72 -17.61 -11.51 -12.79
CA VAL A 72 -16.81 -11.13 -14.00
C VAL A 72 -16.40 -12.40 -14.73
N THR A 73 -15.89 -13.40 -14.02
CA THR A 73 -15.35 -14.62 -14.66
C THR A 73 -16.49 -15.46 -15.21
N THR A 74 -17.63 -15.50 -14.50
CA THR A 74 -18.89 -16.16 -14.93
C THR A 74 -19.31 -15.63 -16.31
N ARG A 75 -19.36 -14.32 -16.47
CA ARG A 75 -19.97 -13.68 -17.66
C ARG A 75 -19.01 -13.68 -18.84
N SER A 76 -17.71 -13.86 -18.59
CA SER A 76 -16.66 -13.72 -19.63
C SER A 76 -16.61 -15.00 -20.47
N ALA A 77 -16.61 -14.86 -21.79
CA ALA A 77 -16.63 -16.02 -22.71
C ALA A 77 -15.23 -16.63 -22.78
N ASN A 78 -14.22 -15.76 -22.66
CA ASN A 78 -12.81 -16.10 -22.97
C ASN A 78 -11.94 -15.48 -21.87
N LEU A 79 -10.73 -16.01 -21.72
CA LEU A 79 -9.88 -15.69 -20.55
C LEU A 79 -9.31 -14.28 -20.69
N ALA A 80 -9.04 -13.82 -21.91
CA ALA A 80 -8.60 -12.43 -22.17
C ALA A 80 -9.67 -11.45 -21.68
N ALA A 81 -10.94 -11.69 -22.01
CA ALA A 81 -12.11 -10.87 -21.58
C ALA A 81 -12.23 -10.91 -20.06
N ALA A 82 -11.99 -12.07 -19.44
CA ALA A 82 -12.08 -12.25 -17.98
C ALA A 82 -11.04 -11.37 -17.31
N LEU A 83 -9.79 -11.41 -17.77
CA LEU A 83 -8.71 -10.60 -17.17
C LEU A 83 -9.06 -9.12 -17.32
N ASP A 84 -9.49 -8.70 -18.51
CA ASP A 84 -9.84 -7.29 -18.79
C ASP A 84 -10.92 -6.86 -17.81
N GLY A 85 -11.92 -7.72 -17.58
CA GLY A 85 -13.05 -7.46 -16.68
C GLY A 85 -12.59 -7.33 -15.24
N LEU A 86 -11.67 -8.19 -14.81
CA LEU A 86 -11.16 -8.17 -13.42
C LEU A 86 -10.37 -6.88 -13.21
N ILE A 87 -9.57 -6.47 -14.20
CA ILE A 87 -8.80 -5.19 -14.13
C ILE A 87 -9.80 -4.05 -14.01
N GLU A 88 -10.81 -4.01 -14.87
CA GLU A 88 -11.80 -2.92 -14.89
C GLU A 88 -12.47 -2.86 -13.54
N PHE A 89 -12.86 -4.01 -13.03
CA PHE A 89 -13.64 -4.14 -11.77
C PHE A 89 -12.80 -3.55 -10.64
N HIS A 90 -11.56 -3.97 -10.55
CA HIS A 90 -10.68 -3.59 -9.42
C HIS A 90 -10.30 -2.13 -9.56
N LEU A 91 -10.09 -1.65 -10.79
CA LEU A 91 -9.78 -0.24 -11.11
C LEU A 91 -10.94 0.64 -10.65
N ASP A 92 -12.19 0.26 -10.96
CA ASP A 92 -13.44 0.96 -10.55
C ASP A 92 -13.47 1.06 -9.03
N PHE A 93 -13.12 -0.04 -8.38
CA PHE A 93 -13.05 -0.14 -6.91
C PHE A 93 -11.99 0.80 -6.35
N ALA A 94 -10.76 0.72 -6.87
CA ALA A 94 -9.60 1.53 -6.43
C ALA A 94 -9.90 3.02 -6.61
N LEU A 95 -10.49 3.39 -7.74
CA LEU A 95 -10.76 4.83 -8.02
C LEU A 95 -11.96 5.29 -7.16
N GLY A 96 -12.94 4.41 -6.95
CA GLY A 96 -14.26 4.75 -6.39
C GLY A 96 -14.32 4.58 -4.88
N GLU A 97 -13.65 3.59 -4.31
CA GLU A 97 -13.81 3.29 -2.85
C GLU A 97 -12.44 3.23 -2.17
N ALA A 98 -11.63 4.26 -2.42
CA ALA A 98 -10.23 4.37 -1.99
C ALA A 98 -10.17 4.20 -0.47
N ASP A 99 -11.13 4.79 0.24
CA ASP A 99 -11.16 4.81 1.72
C ASP A 99 -11.19 3.38 2.23
N LEU A 100 -12.02 2.52 1.64
CA LEU A 100 -12.19 1.12 2.11
C LEU A 100 -10.93 0.32 1.81
N ILE A 101 -10.26 0.60 0.70
CA ILE A 101 -8.97 -0.07 0.35
C ILE A 101 -7.92 0.27 1.42
N ARG A 102 -7.78 1.55 1.73
CA ARG A 102 -6.81 2.05 2.74
C ARG A 102 -7.09 1.43 4.11
N ILE A 103 -8.34 1.33 4.53
CA ILE A 103 -8.74 0.76 5.85
C ILE A 103 -8.39 -0.73 5.87
N GLN A 104 -8.74 -1.47 4.81
CA GLN A 104 -8.57 -2.95 4.68
C GLN A 104 -7.10 -3.33 4.85
N ASP A 105 -6.14 -2.53 4.37
CA ASP A 105 -4.73 -3.00 4.45
C ASP A 105 -3.94 -2.14 5.45
N ARG A 106 -4.62 -1.37 6.28
CA ARG A 106 -4.03 -0.59 7.39
C ARG A 106 -4.59 -1.09 8.73
N ASP A 107 -5.83 -1.55 8.78
CA ASP A 107 -6.56 -1.68 10.07
C ASP A 107 -7.16 -3.09 10.22
N LEU A 108 -6.74 -4.04 9.40
CA LEU A 108 -7.23 -5.44 9.44
C LEU A 108 -6.97 -6.02 10.83
N ALA A 109 -5.82 -5.70 11.43
CA ALA A 109 -5.32 -6.22 12.72
C ALA A 109 -6.25 -5.82 13.88
N HIS A 110 -7.03 -4.74 13.75
CA HIS A 110 -7.87 -4.18 14.84
C HIS A 110 -9.26 -4.85 14.85
N LEU A 111 -9.48 -5.82 13.97
CA LEU A 111 -10.73 -6.63 13.97
C LEU A 111 -10.68 -7.66 15.09
N PRO A 112 -11.84 -8.01 15.68
CA PRO A 112 -11.93 -9.23 16.49
C PRO A 112 -11.51 -10.45 15.65
N ALA A 113 -10.87 -11.43 16.27
CA ALA A 113 -10.25 -12.59 15.62
C ALA A 113 -11.18 -13.24 14.59
N VAL A 114 -12.47 -13.41 14.92
CA VAL A 114 -13.49 -14.10 14.07
C VAL A 114 -13.64 -13.37 12.75
N ALA A 115 -13.89 -12.06 12.85
CA ALA A 115 -14.09 -11.14 11.72
C ALA A 115 -12.82 -11.07 10.86
N GLU A 116 -11.65 -11.04 11.49
CA GLU A 116 -10.33 -10.97 10.81
C GLU A 116 -10.15 -12.19 9.93
N ARG A 117 -10.56 -13.36 10.40
CA ARG A 117 -10.43 -14.61 9.61
C ARG A 117 -11.41 -14.61 8.44
N GLN A 118 -12.60 -14.08 8.65
CA GLN A 118 -13.64 -13.95 7.59
C GLN A 118 -13.13 -13.05 6.47
N VAL A 119 -12.52 -11.92 6.83
CA VAL A 119 -12.03 -10.96 5.81
C VAL A 119 -10.81 -11.57 5.11
N ARG A 120 -9.90 -12.21 5.83
CA ARG A 120 -8.71 -12.84 5.20
C ARG A 120 -9.12 -13.96 4.26
N LYS A 121 -10.20 -14.68 4.60
CA LYS A 121 -10.77 -15.75 3.72
C LYS A 121 -11.27 -15.12 2.42
N ALA A 122 -12.07 -14.07 2.49
CA ALA A 122 -12.63 -13.41 1.30
C ALA A 122 -11.49 -12.82 0.45
N GLN A 123 -10.44 -12.28 1.08
CA GLN A 123 -9.26 -11.74 0.38
C GLN A 123 -8.49 -12.84 -0.32
N ARG A 124 -8.24 -13.94 0.38
CA ARG A 124 -7.51 -15.10 -0.18
C ARG A 124 -8.27 -15.59 -1.42
N GLN A 125 -9.60 -15.72 -1.30
CA GLN A 125 -10.45 -16.25 -2.39
C GLN A 125 -10.44 -15.27 -3.56
N TYR A 126 -10.43 -13.96 -3.31
CA TYR A 126 -10.35 -12.93 -4.37
C TYR A 126 -9.04 -13.06 -5.14
N VAL A 127 -7.92 -13.23 -4.43
CA VAL A 127 -6.59 -13.44 -5.05
C VAL A 127 -6.67 -14.72 -5.90
N GLU A 128 -7.29 -15.78 -5.37
CA GLU A 128 -7.40 -17.08 -6.09
C GLU A 128 -8.16 -16.90 -7.40
N VAL A 129 -9.17 -16.03 -7.45
CA VAL A 129 -9.90 -15.79 -8.72
C VAL A 129 -8.90 -15.27 -9.75
N TRP A 130 -8.13 -14.24 -9.40
CA TRP A 130 -7.10 -13.71 -10.31
C TRP A 130 -6.12 -14.82 -10.69
N VAL A 131 -5.64 -15.58 -9.69
CA VAL A 131 -4.61 -16.64 -9.91
C VAL A 131 -5.18 -17.66 -10.90
N GLY A 132 -6.44 -18.06 -10.73
CA GLY A 132 -7.14 -19.01 -11.62
C GLY A 132 -7.08 -18.57 -13.07
N VAL A 133 -7.41 -17.31 -13.32
CA VAL A 133 -7.42 -16.72 -14.70
C VAL A 133 -5.98 -16.70 -15.24
N LEU A 134 -5.00 -16.26 -14.45
CA LEU A 134 -3.59 -16.09 -14.92
C LEU A 134 -2.98 -17.46 -15.28
N ARG A 135 -3.25 -18.50 -14.49
CA ARG A 135 -2.71 -19.87 -14.70
C ARG A 135 -3.39 -20.52 -15.90
N GLU A 136 -4.68 -20.29 -16.12
CA GLU A 136 -5.43 -20.82 -17.29
C GLU A 136 -4.92 -20.13 -18.57
N LEU A 137 -4.53 -18.86 -18.50
CA LEU A 137 -3.89 -18.12 -19.63
C LEU A 137 -2.48 -18.65 -19.89
N ASN A 138 -1.74 -19.04 -18.84
CA ASN A 138 -0.35 -19.54 -18.97
C ASN A 138 -0.16 -20.79 -18.13
N PRO A 139 -0.57 -21.98 -18.62
CA PRO A 139 -0.40 -23.23 -17.87
C PRO A 139 1.02 -23.51 -17.31
N GLY A 140 2.06 -22.90 -17.90
CA GLY A 140 3.46 -22.98 -17.42
C GLY A 140 3.72 -22.16 -16.18
N LEU A 141 2.82 -21.24 -15.83
CA LEU A 141 2.96 -20.32 -14.66
C LEU A 141 2.74 -21.12 -13.39
N ALA A 142 3.75 -21.10 -12.51
CA ALA A 142 3.67 -21.64 -11.14
C ALA A 142 2.68 -20.80 -10.32
N GLU A 143 2.03 -21.46 -9.35
CA GLU A 143 1.11 -20.84 -8.36
C GLU A 143 1.79 -19.61 -7.74
N ALA A 144 2.99 -19.80 -7.21
CA ALA A 144 3.73 -18.77 -6.44
C ALA A 144 3.92 -17.53 -7.32
N ASP A 145 4.23 -17.71 -8.61
CA ASP A 145 4.51 -16.60 -9.54
C ASP A 145 3.21 -15.87 -9.85
N ALA A 146 2.13 -16.62 -10.10
CA ALA A 146 0.80 -16.03 -10.36
C ALA A 146 0.39 -15.16 -9.15
N ARG A 147 0.58 -15.64 -7.93
CA ARG A 147 0.23 -14.90 -6.68
C ARG A 147 1.03 -13.61 -6.61
N LEU A 148 2.30 -13.68 -6.91
CA LEU A 148 3.22 -12.52 -6.86
C LEU A 148 2.71 -11.48 -7.85
N MET A 149 2.31 -11.92 -9.04
CA MET A 149 1.86 -11.02 -10.12
C MET A 149 0.57 -10.34 -9.68
N ALA A 150 -0.35 -11.12 -9.07
CA ALA A 150 -1.66 -10.63 -8.60
C ALA A 150 -1.40 -9.51 -7.58
N HIS A 151 -0.65 -9.80 -6.54
CA HIS A 151 -0.36 -8.82 -5.46
C HIS A 151 0.27 -7.57 -6.08
N ALA A 152 1.15 -7.74 -7.08
CA ALA A 152 1.88 -6.63 -7.72
C ALA A 152 0.87 -5.72 -8.41
N VAL A 153 -0.12 -6.34 -9.07
CA VAL A 153 -1.17 -5.57 -9.79
C VAL A 153 -2.05 -4.82 -8.78
N PHE A 154 -2.48 -5.47 -7.70
CA PHE A 154 -3.28 -4.78 -6.67
C PHE A 154 -2.49 -3.57 -6.19
N GLY A 155 -1.18 -3.74 -5.96
CA GLY A 155 -0.30 -2.67 -5.46
C GLY A 155 -0.27 -1.52 -6.44
N LEU A 156 -0.13 -1.85 -7.72
CA LEU A 156 -0.06 -0.85 -8.81
C LEU A 156 -1.36 -0.03 -8.83
N LEU A 157 -2.50 -0.70 -8.81
CA LEU A 157 -3.84 -0.06 -8.93
C LEU A 157 -4.20 0.66 -7.65
N ASN A 158 -3.79 0.13 -6.50
CA ASN A 158 -4.11 0.78 -5.20
C ASN A 158 -3.12 1.93 -4.93
N SER A 159 -2.36 2.38 -5.93
CA SER A 159 -1.38 3.49 -5.80
C SER A 159 -2.07 4.84 -5.93
N THR A 160 -3.33 4.87 -6.39
CA THR A 160 -4.15 6.11 -6.38
C THR A 160 -4.63 6.45 -4.96
N PRO A 161 -5.07 5.51 -4.08
CA PRO A 161 -5.29 5.81 -2.66
C PRO A 161 -4.13 6.57 -1.97
N HIS A 162 -2.88 6.22 -2.30
CA HIS A 162 -1.64 6.78 -1.70
C HIS A 162 -1.26 8.10 -2.37
N SER A 163 -1.64 8.33 -3.63
CA SER A 163 -1.43 9.62 -4.35
C SER A 163 -2.68 10.51 -4.32
N MET A 164 -3.85 9.99 -3.93
CA MET A 164 -5.17 10.69 -3.91
C MET A 164 -5.78 10.59 -2.49
N LYS A 165 -5.77 11.70 -1.75
CA LYS A 165 -6.69 11.96 -0.60
C LYS A 165 -7.70 13.07 -1.00
N ALA A 166 -9.00 12.73 -1.06
CA ALA A 166 -10.14 13.62 -1.42
C ALA A 166 -9.79 14.68 -2.48
N ALA A 167 -8.91 14.38 -3.45
CA ALA A 167 -8.29 15.37 -4.40
C ALA A 167 -9.19 15.61 -5.62
N ASP A 168 -8.90 15.03 -6.80
CA ASP A 168 -9.79 15.05 -8.02
C ASP A 168 -9.65 13.75 -8.82
N SER A 169 -10.69 12.88 -8.87
CA SER A 169 -12.06 13.03 -8.35
C SER A 169 -12.88 14.00 -9.23
N LYS A 170 -12.38 14.36 -10.43
CA LYS A 170 -12.99 15.28 -11.42
C LYS A 170 -13.20 14.53 -12.73
N PRO A 171 -13.69 15.17 -13.84
CA PRO A 171 -13.88 14.46 -15.10
C PRO A 171 -12.62 13.74 -15.62
N ALA A 172 -11.70 14.52 -16.18
CA ALA A 172 -10.52 14.09 -16.95
C ALA A 172 -9.59 13.27 -16.04
N ARG A 173 -9.53 13.59 -14.73
CA ARG A 173 -8.61 12.94 -13.77
C ARG A 173 -8.98 11.45 -13.68
N THR A 174 -10.25 11.14 -13.40
CA THR A 174 -10.79 9.76 -13.30
C THR A 174 -10.42 8.95 -14.54
N VAL A 175 -10.86 9.43 -15.69
CA VAL A 175 -10.80 8.71 -16.99
C VAL A 175 -9.33 8.59 -17.43
N ARG A 176 -8.55 9.66 -17.24
CA ARG A 176 -7.10 9.73 -17.59
C ARG A 176 -6.37 8.67 -16.75
N ALA A 177 -6.54 8.72 -15.42
CA ALA A 177 -5.87 7.80 -14.47
C ALA A 177 -6.24 6.38 -14.87
N ARG A 178 -7.54 6.12 -15.09
CA ARG A 178 -8.01 4.77 -15.46
C ARG A 178 -7.22 4.31 -16.70
N ALA A 179 -7.13 5.14 -17.74
CA ALA A 179 -6.48 4.76 -19.01
C ALA A 179 -5.04 4.35 -18.72
N VAL A 180 -4.32 5.23 -18.02
CA VAL A 180 -2.85 5.08 -17.79
C VAL A 180 -2.63 3.84 -16.93
N LEU A 181 -3.33 3.71 -15.81
CA LEU A 181 -3.12 2.57 -14.86
C LEU A 181 -3.48 1.26 -15.56
N ARG A 182 -4.50 1.26 -16.40
CA ARG A 182 -4.89 0.02 -17.13
C ARG A 182 -3.73 -0.37 -18.06
N ALA A 183 -3.20 0.57 -18.83
CA ALA A 183 -2.10 0.33 -19.80
C ALA A 183 -0.88 -0.23 -19.06
N MET A 184 -0.56 0.36 -17.91
CA MET A 184 0.60 -0.08 -17.08
C MET A 184 0.35 -1.51 -16.63
N THR A 185 -0.86 -1.79 -16.17
CA THR A 185 -1.22 -3.10 -15.61
C THR A 185 -1.13 -4.17 -16.70
N VAL A 186 -1.72 -3.90 -17.87
CA VAL A 186 -1.78 -4.85 -19.02
C VAL A 186 -0.35 -5.17 -19.47
N ALA A 187 0.49 -4.15 -19.64
CA ALA A 187 1.91 -4.31 -20.05
C ALA A 187 2.67 -5.09 -18.98
N ALA A 188 2.48 -4.77 -17.70
CA ALA A 188 3.13 -5.44 -16.56
C ALA A 188 2.83 -6.94 -16.62
N LEU A 189 1.56 -7.30 -16.80
CA LEU A 189 1.16 -8.73 -16.79
C LEU A 189 1.71 -9.45 -18.01
N SER A 190 1.85 -8.77 -19.16
CA SER A 190 2.38 -9.38 -20.41
C SER A 190 3.87 -9.68 -20.24
N ALA A 191 4.63 -8.76 -19.63
CA ALA A 191 6.09 -8.90 -19.47
C ALA A 191 6.41 -9.96 -18.42
N ALA A 192 5.65 -10.01 -17.32
CA ALA A 192 5.75 -11.06 -16.27
C ALA A 192 5.61 -12.42 -16.96
N ASP A 193 4.59 -12.52 -17.82
CA ASP A 193 4.16 -13.75 -18.53
C ASP A 193 5.30 -14.22 -19.45
N ARG A 194 5.93 -13.32 -20.22
CA ARG A 194 7.01 -13.67 -21.19
C ARG A 194 8.38 -13.82 -20.50
N CYS A 195 8.42 -13.86 -19.16
CA CYS A 195 9.67 -14.07 -18.37
C CYS A 195 9.60 -15.42 -17.61
N LEU A 196 8.46 -16.15 -17.69
CA LEU A 196 7.94 -17.11 -16.67
C LEU A 196 6.97 -18.14 -17.28
N SER B 5 25.93 2.89 22.61
CA SER B 5 24.57 2.40 23.03
C SER B 5 24.13 1.23 22.12
N ASP B 6 24.31 -0.03 22.56
CA ASP B 6 23.58 -1.17 21.94
C ASP B 6 22.21 -1.32 22.63
N ARG B 7 21.83 -0.59 23.70
CA ARG B 7 20.40 -0.58 24.13
C ARG B 7 19.62 0.36 23.24
N ARG B 8 20.20 1.47 22.80
CA ARG B 8 19.51 2.43 21.90
C ARG B 8 19.10 1.72 20.61
N PHE B 9 20.02 0.97 20.02
CA PHE B 9 19.81 0.21 18.75
C PHE B 9 18.76 -0.88 18.97
N GLN B 10 18.79 -1.55 20.13
CA GLN B 10 17.90 -2.70 20.50
C GLN B 10 16.46 -2.18 20.58
N LEU B 11 16.26 -1.01 21.19
CA LEU B 11 14.92 -0.37 21.31
C LEU B 11 14.41 -0.01 19.91
N LEU B 12 15.22 0.63 19.08
CA LEU B 12 14.77 1.08 17.74
C LEU B 12 14.37 -0.11 16.90
N ALA B 13 15.15 -1.19 16.94
CA ALA B 13 14.89 -2.42 16.17
C ALA B 13 13.60 -3.10 16.64
N ALA B 14 13.34 -3.13 17.95
CA ALA B 14 12.09 -3.67 18.54
C ALA B 14 10.93 -2.79 18.07
N ALA B 15 11.05 -1.47 18.24
CA ALA B 15 10.03 -0.48 17.81
C ALA B 15 9.72 -0.65 16.31
N GLU B 16 10.72 -0.78 15.46
CA GLU B 16 10.55 -0.97 14.00
C GLU B 16 9.69 -2.20 13.75
N ARG B 17 10.03 -3.32 14.38
CA ARG B 17 9.33 -4.60 14.14
C ARG B 17 7.89 -4.50 14.63
N LEU B 18 7.69 -3.96 15.83
CA LEU B 18 6.37 -3.94 16.49
C LEU B 18 5.45 -2.92 15.80
N PHE B 19 5.95 -1.73 15.49
CA PHE B 19 5.17 -0.69 14.76
C PHE B 19 4.70 -1.25 13.41
N ALA B 20 5.53 -2.02 12.71
CA ALA B 20 5.18 -2.60 11.40
C ALA B 20 4.02 -3.58 11.57
N GLU B 21 4.15 -4.48 12.54
CA GLU B 21 3.20 -5.60 12.75
C GLU B 21 1.88 -5.08 13.33
N ARG B 22 1.92 -4.27 14.39
CA ARG B 22 0.72 -3.94 15.20
C ARG B 22 0.24 -2.52 14.91
N GLY B 23 1.09 -1.66 14.32
CA GLY B 23 0.82 -0.22 14.13
C GLY B 23 1.22 0.60 15.34
N PHE B 24 1.51 1.87 15.14
CA PHE B 24 2.08 2.78 16.18
C PHE B 24 1.23 2.80 17.45
N LEU B 25 -0.05 3.11 17.33
CA LEU B 25 -0.87 3.41 18.53
C LEU B 25 -1.02 2.17 19.39
N ALA B 26 -1.15 0.99 18.78
CA ALA B 26 -1.45 -0.28 19.47
C ALA B 26 -0.21 -0.86 20.14
N VAL B 27 0.94 -0.21 19.97
CA VAL B 27 2.21 -0.70 20.58
C VAL B 27 2.43 0.09 21.86
N ARG B 28 2.63 -0.66 22.96
CA ARG B 28 2.75 -0.13 24.34
C ARG B 28 4.23 0.01 24.64
N LEU B 29 4.62 1.14 25.18
CA LEU B 29 6.06 1.43 25.28
C LEU B 29 6.72 0.25 26.00
N GLU B 30 6.02 -0.30 26.99
CA GLU B 30 6.46 -1.44 27.80
C GLU B 30 6.72 -2.66 26.90
N ASP B 31 5.94 -2.86 25.84
CA ASP B 31 6.16 -3.97 24.87
C ASP B 31 7.52 -3.79 24.18
N ILE B 32 7.89 -2.55 23.81
CA ILE B 32 9.20 -2.24 23.13
C ILE B 32 10.32 -2.48 24.13
N GLY B 33 10.22 -1.86 25.29
CA GLY B 33 11.11 -2.15 26.43
C GLY B 33 11.28 -3.64 26.63
N ALA B 34 10.19 -4.37 26.83
CA ALA B 34 10.17 -5.84 27.09
C ALA B 34 11.02 -6.53 26.02
N ALA B 35 10.70 -6.33 24.75
CA ALA B 35 11.34 -7.00 23.59
C ALA B 35 12.82 -6.64 23.51
N ALA B 36 13.21 -5.44 23.95
CA ALA B 36 14.63 -5.01 23.90
C ALA B 36 15.39 -5.52 25.13
N GLY B 37 14.67 -6.01 26.15
CA GLY B 37 15.20 -6.26 27.51
C GLY B 37 15.17 -4.98 28.32
N VAL B 38 14.42 -4.99 29.44
CA VAL B 38 14.48 -4.05 30.62
C VAL B 38 13.19 -3.26 30.80
N SER B 39 12.87 -2.35 29.88
CA SER B 39 11.46 -1.93 29.76
C SER B 39 10.95 -1.13 30.96
N GLY B 40 9.66 -1.34 31.20
CA GLY B 40 8.63 -0.29 31.24
C GLY B 40 9.23 0.96 30.61
N PRO B 41 9.45 1.98 31.44
CA PRO B 41 9.84 3.30 30.97
C PRO B 41 11.36 3.51 31.04
N ALA B 42 12.13 2.44 31.09
CA ALA B 42 13.59 2.50 30.84
C ALA B 42 13.81 3.30 29.55
N ILE B 43 12.78 3.38 28.70
CA ILE B 43 12.92 3.90 27.32
C ILE B 43 13.33 5.37 27.40
N TYR B 44 12.94 6.04 28.47
CA TYR B 44 13.05 7.50 28.63
C TYR B 44 14.50 7.92 28.93
N ARG B 45 15.33 6.95 29.35
CA ARG B 45 16.80 7.10 29.55
C ARG B 45 17.51 7.17 28.19
N HIS B 46 16.85 6.75 27.10
CA HIS B 46 17.39 6.76 25.72
C HIS B 46 16.68 7.79 24.83
N PHE B 47 15.37 8.00 25.02
CA PHE B 47 14.43 8.77 24.17
C PHE B 47 13.51 9.57 25.07
N PRO B 48 13.05 10.75 24.64
CA PRO B 48 12.09 11.54 25.42
C PRO B 48 10.58 11.19 25.34
N ASN B 49 10.18 10.21 24.51
CA ASN B 49 8.75 9.76 24.36
C ASN B 49 8.59 8.83 23.15
N LYS B 50 7.45 8.11 23.06
CA LYS B 50 7.12 7.18 21.93
C LYS B 50 7.48 7.87 20.61
N GLU B 51 6.85 9.00 20.37
CA GLU B 51 6.90 9.76 19.11
C GLU B 51 8.33 9.85 18.61
N SER B 52 9.28 10.05 19.50
CA SER B 52 10.71 10.23 19.12
C SER B 52 11.24 8.95 18.47
N LEU B 53 10.80 7.77 18.89
CA LEU B 53 11.20 6.52 18.20
C LEU B 53 10.72 6.56 16.74
N LEU B 54 9.44 6.87 16.54
CA LEU B 54 8.80 6.91 15.20
C LEU B 54 9.57 7.92 14.34
N VAL B 55 9.87 9.09 14.91
CA VAL B 55 10.58 10.19 14.21
C VAL B 55 11.94 9.67 13.71
N GLU B 56 12.71 9.03 14.59
CA GLU B 56 14.07 8.54 14.22
C GLU B 56 13.95 7.55 13.06
N LEU B 57 12.99 6.63 13.15
CA LEU B 57 12.80 5.56 12.15
C LEU B 57 12.50 6.20 10.77
N LEU B 58 11.56 7.16 10.72
CA LEU B 58 10.99 7.68 9.45
C LEU B 58 11.84 8.81 8.87
N VAL B 59 12.39 9.69 9.72
CA VAL B 59 13.30 10.73 9.20
C VAL B 59 14.52 10.01 8.63
N GLY B 60 14.95 8.93 9.29
CA GLY B 60 16.11 8.13 8.85
C GLY B 60 15.90 7.54 7.47
N VAL B 61 14.83 6.78 7.31
CA VAL B 61 14.59 6.02 6.06
C VAL B 61 14.33 7.00 4.91
N SER B 62 13.56 8.06 5.14
CA SER B 62 13.17 9.01 4.07
C SER B 62 14.41 9.74 3.56
N ALA B 63 15.34 10.11 4.45
CA ALA B 63 16.62 10.77 4.08
C ALA B 63 17.51 9.78 3.31
N ARG B 64 17.59 8.52 3.76
CA ARG B 64 18.40 7.45 3.10
C ARG B 64 17.93 7.25 1.65
N LEU B 65 16.62 7.14 1.46
CA LEU B 65 16.04 6.86 0.12
C LEU B 65 16.42 8.01 -0.82
N LEU B 66 16.25 9.25 -0.39
CA LEU B 66 16.54 10.42 -1.25
C LEU B 66 18.03 10.43 -1.60
N ALA B 67 18.90 10.28 -0.61
CA ALA B 67 20.37 10.27 -0.81
C ALA B 67 20.77 9.15 -1.77
N GLY B 68 20.21 7.94 -1.61
CA GLY B 68 20.52 6.78 -2.47
C GLY B 68 20.11 7.01 -3.90
N ALA B 69 18.93 7.60 -4.10
CA ALA B 69 18.40 7.92 -5.44
C ALA B 69 19.32 8.93 -6.12
N ARG B 70 19.70 9.98 -5.40
CA ARG B 70 20.60 11.01 -5.96
C ARG B 70 21.93 10.36 -6.36
N ASP B 71 22.48 9.51 -5.49
CA ASP B 71 23.74 8.77 -5.75
C ASP B 71 23.60 8.02 -7.09
N VAL B 72 22.46 7.35 -7.30
CA VAL B 72 22.23 6.52 -8.51
C VAL B 72 22.29 7.42 -9.76
N THR B 73 21.61 8.57 -9.72
CA THR B 73 21.52 9.45 -10.91
C THR B 73 22.86 10.13 -11.16
N THR B 74 23.58 10.48 -10.09
CA THR B 74 24.96 11.03 -10.13
C THR B 74 25.89 10.07 -10.89
N ARG B 75 25.88 8.79 -10.56
CA ARG B 75 26.85 7.80 -11.09
C ARG B 75 26.49 7.36 -12.50
N SER B 76 25.24 7.55 -12.92
CA SER B 76 24.71 7.03 -14.21
C SER B 76 25.13 7.97 -15.34
N ALA B 77 25.69 7.43 -16.41
CA ALA B 77 26.19 8.21 -17.56
C ALA B 77 25.01 8.70 -18.39
N ASN B 78 23.95 7.88 -18.42
CA ASN B 78 22.81 8.04 -19.34
C ASN B 78 21.53 7.77 -18.55
N LEU B 79 20.41 8.25 -19.08
CA LEU B 79 19.12 8.29 -18.37
C LEU B 79 18.54 6.87 -18.29
N ALA B 80 18.75 6.02 -19.30
CA ALA B 80 18.33 4.60 -19.28
C ALA B 80 19.02 3.86 -18.12
N ALA B 81 20.33 4.05 -17.94
CA ALA B 81 21.14 3.46 -16.84
C ALA B 81 20.63 3.99 -15.49
N ALA B 82 20.26 5.27 -15.43
CA ALA B 82 19.74 5.91 -14.20
C ALA B 82 18.43 5.24 -13.79
N LEU B 83 17.50 5.05 -14.72
CA LEU B 83 16.20 4.39 -14.41
C LEU B 83 16.46 2.97 -13.92
N ASP B 84 17.31 2.22 -14.61
CA ASP B 84 17.64 0.82 -14.23
C ASP B 84 18.17 0.80 -12.80
N GLY B 85 19.05 1.76 -12.47
CA GLY B 85 19.66 1.88 -11.13
C GLY B 85 18.64 2.22 -10.06
N LEU B 86 17.69 3.12 -10.37
CA LEU B 86 16.64 3.53 -9.41
C LEU B 86 15.74 2.34 -9.13
N ILE B 87 15.40 1.56 -10.16
CA ILE B 87 14.57 0.33 -10.00
C ILE B 87 15.32 -0.62 -9.07
N GLU B 88 16.60 -0.89 -9.35
CA GLU B 88 17.41 -1.86 -8.57
C GLU B 88 17.46 -1.39 -7.11
N PHE B 89 17.70 -0.09 -6.94
CA PHE B 89 17.88 0.53 -5.60
C PHE B 89 16.60 0.30 -4.80
N HIS B 90 15.46 0.63 -5.40
CA HIS B 90 14.17 0.64 -4.69
C HIS B 90 13.74 -0.81 -4.45
N LEU B 91 14.03 -1.70 -5.38
CA LEU B 91 13.75 -3.16 -5.28
C LEU B 91 14.49 -3.73 -4.06
N ASP B 92 15.80 -3.42 -3.94
CA ASP B 92 16.68 -3.83 -2.80
C ASP B 92 16.05 -3.36 -1.50
N PHE B 93 15.60 -2.12 -1.52
CA PHE B 93 14.95 -1.44 -0.38
C PHE B 93 13.64 -2.14 0.01
N ALA B 94 12.76 -2.34 -0.96
CA ALA B 94 11.43 -2.96 -0.78
C ALA B 94 11.58 -4.37 -0.23
N LEU B 95 12.52 -5.15 -0.77
CA LEU B 95 12.71 -6.55 -0.33
C LEU B 95 13.36 -6.55 1.08
N GLY B 96 14.27 -5.60 1.33
CA GLY B 96 15.17 -5.60 2.50
C GLY B 96 14.63 -4.84 3.69
N GLU B 97 13.90 -3.74 3.48
CA GLU B 97 13.44 -2.90 4.63
C GLU B 97 11.93 -2.70 4.59
N ALA B 98 11.23 -3.82 4.44
CA ALA B 98 9.76 -3.91 4.29
C ALA B 98 9.12 -3.22 5.47
N ASP B 99 9.66 -3.41 6.69
CA ASP B 99 9.02 -2.90 7.92
C ASP B 99 8.94 -1.37 7.85
N LEU B 100 10.01 -0.73 7.39
CA LEU B 100 10.06 0.75 7.36
C LEU B 100 9.13 1.28 6.27
N ILE B 101 8.98 0.55 5.17
CA ILE B 101 8.02 0.91 4.08
C ILE B 101 6.60 0.90 4.64
N ARG B 102 6.23 -0.18 5.33
CA ARG B 102 4.88 -0.37 5.91
C ARG B 102 4.58 0.73 6.93
N ILE B 103 5.54 1.09 7.78
CA ILE B 103 5.37 2.14 8.82
C ILE B 103 5.17 3.50 8.13
N GLN B 104 6.00 3.81 7.14
CA GLN B 104 6.02 5.11 6.42
C GLN B 104 4.66 5.38 5.75
N ASP B 105 3.95 4.36 5.26
CA ASP B 105 2.69 4.67 4.54
C ASP B 105 1.47 4.22 5.36
N ARG B 106 1.67 3.90 6.63
CA ARG B 106 0.59 3.55 7.58
C ARG B 106 0.58 4.58 8.71
N ASP B 107 1.73 5.14 9.12
CA ASP B 107 1.85 5.80 10.45
C ASP B 107 2.46 7.19 10.32
N LEU B 108 2.55 7.73 9.11
CA LEU B 108 3.11 9.09 8.85
C LEU B 108 2.35 10.15 9.67
N ALA B 109 1.04 9.99 9.78
CA ALA B 109 0.11 10.97 10.43
C ALA B 109 0.39 11.06 11.94
N HIS B 110 1.02 10.05 12.55
CA HIS B 110 1.25 10.00 14.02
C HIS B 110 2.56 10.70 14.39
N LEU B 111 3.25 11.30 13.42
CA LEU B 111 4.47 12.12 13.68
C LEU B 111 4.07 13.49 14.22
N PRO B 112 4.92 14.13 15.06
CA PRO B 112 4.79 15.56 15.35
C PRO B 112 4.85 16.35 14.03
N ALA B 113 4.07 17.43 13.93
CA ALA B 113 3.85 18.19 12.68
C ALA B 113 5.18 18.51 11.97
N VAL B 114 6.21 18.92 12.73
CA VAL B 114 7.55 19.34 12.20
C VAL B 114 8.20 18.18 11.44
N ALA B 115 8.29 17.03 12.12
CA ALA B 115 8.87 15.77 11.61
C ALA B 115 8.09 15.28 10.38
N GLU B 116 6.75 15.38 10.41
CA GLU B 116 5.84 14.96 9.32
C GLU B 116 6.18 15.74 8.07
N ARG B 117 6.44 17.03 8.20
CA ARG B 117 6.74 17.87 7.02
C ARG B 117 8.14 17.56 6.48
N GLN B 118 9.09 17.25 7.37
CA GLN B 118 10.46 16.82 6.98
C GLN B 118 10.40 15.51 6.17
N VAL B 119 9.62 14.55 6.62
CA VAL B 119 9.52 13.24 5.93
C VAL B 119 8.78 13.44 4.61
N ARG B 120 7.69 14.22 4.57
CA ARG B 120 6.91 14.47 3.32
C ARG B 120 7.79 15.18 2.31
N LYS B 121 8.67 16.08 2.76
CA LYS B 121 9.64 16.79 1.89
C LYS B 121 10.61 15.78 1.25
N ALA B 122 11.23 14.91 2.05
CA ALA B 122 12.19 13.90 1.55
C ALA B 122 11.48 12.93 0.58
N GLN B 123 10.23 12.56 0.88
CA GLN B 123 9.41 11.67 0.01
C GLN B 123 9.07 12.37 -1.31
N ARG B 124 8.63 13.63 -1.24
CA ARG B 124 8.27 14.42 -2.44
C ARG B 124 9.52 14.51 -3.32
N GLN B 125 10.68 14.80 -2.73
CA GLN B 125 11.96 14.97 -3.47
C GLN B 125 12.38 13.62 -4.07
N TYR B 126 12.15 12.48 -3.38
CA TYR B 126 12.44 11.13 -3.91
C TYR B 126 11.57 10.87 -5.15
N VAL B 127 10.27 11.18 -5.09
CA VAL B 127 9.34 11.06 -6.24
C VAL B 127 9.86 11.95 -7.36
N GLU B 128 10.28 13.18 -7.05
CA GLU B 128 10.78 14.15 -8.07
C GLU B 128 12.01 13.58 -8.77
N VAL B 129 12.88 12.85 -8.09
CA VAL B 129 14.06 12.23 -8.76
C VAL B 129 13.54 11.29 -9.85
N TRP B 130 12.62 10.39 -9.51
CA TRP B 130 12.01 9.49 -10.52
C TRP B 130 11.35 10.31 -11.63
N VAL B 131 10.53 11.31 -11.27
CA VAL B 131 9.78 12.14 -12.25
C VAL B 131 10.78 12.83 -13.18
N GLY B 132 11.87 13.37 -12.64
CA GLY B 132 12.95 14.04 -13.39
C GLY B 132 13.52 13.12 -14.45
N VAL B 133 13.84 11.87 -14.09
CA VAL B 133 14.41 10.85 -15.02
C VAL B 133 13.36 10.53 -16.11
N LEU B 134 12.10 10.31 -15.73
CA LEU B 134 11.03 9.87 -16.67
C LEU B 134 10.75 10.98 -17.70
N ARG B 135 10.70 12.24 -17.27
CA ARG B 135 10.41 13.40 -18.15
C ARG B 135 11.59 13.69 -19.07
N GLU B 136 12.83 13.52 -18.61
CA GLU B 136 14.06 13.69 -19.44
C GLU B 136 14.11 12.59 -20.52
N LEU B 137 13.64 11.37 -20.19
CA LEU B 137 13.52 10.24 -21.16
C LEU B 137 12.38 10.51 -22.16
N ASN B 138 11.30 11.17 -21.73
CA ASN B 138 10.12 11.46 -22.59
C ASN B 138 9.68 12.91 -22.41
N PRO B 139 10.34 13.89 -23.06
CA PRO B 139 9.96 15.30 -22.95
C PRO B 139 8.46 15.62 -23.20
N GLY B 140 7.73 14.76 -23.93
CA GLY B 140 6.27 14.87 -24.17
C GLY B 140 5.43 14.52 -22.94
N LEU B 141 6.03 13.88 -21.94
CA LEU B 141 5.35 13.41 -20.71
C LEU B 141 5.02 14.61 -19.81
N ALA B 142 3.74 14.78 -19.50
CA ALA B 142 3.25 15.75 -18.50
C ALA B 142 3.72 15.33 -17.11
N GLU B 143 3.94 16.32 -16.25
CA GLU B 143 4.28 16.17 -14.81
C GLU B 143 3.30 15.20 -14.15
N ALA B 144 1.99 15.45 -14.28
CA ALA B 144 0.93 14.70 -13.60
C ALA B 144 1.03 13.21 -13.95
N ASP B 145 1.31 12.91 -15.21
CA ASP B 145 1.37 11.51 -15.72
C ASP B 145 2.63 10.83 -15.17
N ALA B 146 3.76 11.53 -15.20
CA ALA B 146 5.03 11.01 -14.65
C ALA B 146 4.83 10.65 -13.16
N ARG B 147 4.18 11.52 -12.38
CA ARG B 147 3.93 11.31 -10.94
C ARG B 147 3.10 10.04 -10.74
N LEU B 148 2.06 9.90 -11.55
CA LEU B 148 1.15 8.76 -11.44
C LEU B 148 1.94 7.47 -11.70
N MET B 149 2.81 7.50 -12.70
CA MET B 149 3.62 6.31 -13.10
C MET B 149 4.57 5.95 -11.95
N ALA B 150 5.20 6.95 -11.34
CA ALA B 150 6.18 6.76 -10.25
C ALA B 150 5.45 6.07 -9.09
N HIS B 151 4.35 6.66 -8.62
CA HIS B 151 3.58 6.11 -7.47
C HIS B 151 3.18 4.67 -7.79
N ALA B 152 2.79 4.40 -9.04
CA ALA B 152 2.33 3.07 -9.48
C ALA B 152 3.47 2.06 -9.33
N VAL B 153 4.67 2.49 -9.71
CA VAL B 153 5.88 1.61 -9.62
C VAL B 153 6.21 1.34 -8.15
N PHE B 154 6.20 2.36 -7.30
CA PHE B 154 6.46 2.14 -5.85
C PHE B 154 5.46 1.11 -5.35
N GLY B 155 4.19 1.25 -5.75
CA GLY B 155 3.12 0.34 -5.31
C GLY B 155 3.40 -1.07 -5.76
N LEU B 156 3.84 -1.22 -7.00
CA LEU B 156 4.15 -2.54 -7.60
C LEU B 156 5.27 -3.19 -6.80
N LEU B 157 6.36 -2.46 -6.55
CA LEU B 157 7.56 -2.98 -5.84
C LEU B 157 7.26 -3.18 -4.36
N ASN B 158 6.44 -2.33 -3.75
CA ASN B 158 6.12 -2.46 -2.31
C ASN B 158 5.02 -3.51 -2.12
N SER B 159 4.75 -4.37 -3.11
CA SER B 159 3.70 -5.42 -3.05
C SER B 159 4.24 -6.67 -2.38
N THR B 160 5.55 -6.76 -2.12
CA THR B 160 6.10 -7.84 -1.27
C THR B 160 5.80 -7.60 0.21
N PRO B 161 5.88 -6.36 0.78
CA PRO B 161 5.33 -6.09 2.14
C PRO B 161 3.90 -6.62 2.38
N HIS B 162 3.02 -6.53 1.36
CA HIS B 162 1.59 -6.92 1.40
C HIS B 162 1.42 -8.42 1.16
N SER B 163 2.34 -9.08 0.45
CA SER B 163 2.35 -10.56 0.25
C SER B 163 3.31 -11.28 1.21
N MET B 164 4.17 -10.54 1.93
CA MET B 164 5.19 -11.06 2.89
C MET B 164 4.95 -10.38 4.24
N LYS B 165 4.47 -11.11 5.24
CA LYS B 165 4.42 -10.64 6.65
C LYS B 165 5.71 -11.01 7.39
N ALA B 166 5.93 -12.30 7.70
CA ALA B 166 7.23 -12.86 8.18
C ALA B 166 7.55 -14.19 7.48
N ALA B 167 7.45 -14.28 6.14
CA ALA B 167 7.56 -15.51 5.30
C ALA B 167 9.03 -15.95 5.00
N ASP B 168 9.29 -16.75 3.95
CA ASP B 168 10.61 -17.38 3.62
C ASP B 168 11.57 -16.32 3.02
N SER B 169 11.40 -15.95 1.74
CA SER B 169 12.24 -15.01 0.93
C SER B 169 13.74 -15.04 1.35
N LYS B 170 14.33 -16.24 1.30
CA LYS B 170 15.81 -16.47 1.28
C LYS B 170 16.23 -17.03 -0.09
N PRO B 171 15.93 -18.31 -0.44
CA PRO B 171 16.55 -18.92 -1.62
C PRO B 171 16.01 -18.30 -2.95
N ALA B 172 15.32 -19.14 -3.72
CA ALA B 172 14.70 -18.84 -5.04
C ALA B 172 13.70 -17.69 -4.87
N ARG B 173 13.08 -17.54 -3.69
CA ARG B 173 12.10 -16.47 -3.36
C ARG B 173 12.72 -15.09 -3.62
N THR B 174 13.85 -14.75 -2.99
CA THR B 174 14.51 -13.41 -3.13
C THR B 174 14.78 -13.12 -4.60
N VAL B 175 15.53 -14.03 -5.22
CA VAL B 175 16.10 -13.87 -6.59
C VAL B 175 14.96 -13.89 -7.60
N ARG B 176 13.99 -14.79 -7.40
CA ARG B 176 12.80 -14.98 -8.26
C ARG B 176 11.98 -13.70 -8.21
N ALA B 177 11.62 -13.23 -7.01
CA ALA B 177 10.80 -12.03 -6.78
C ALA B 177 11.50 -10.86 -7.46
N ARG B 178 12.80 -10.70 -7.20
CA ARG B 178 13.54 -9.57 -7.79
C ARG B 178 13.39 -9.63 -9.32
N ALA B 179 13.60 -10.79 -9.93
CA ALA B 179 13.57 -10.93 -11.41
C ALA B 179 12.20 -10.50 -11.91
N VAL B 180 11.16 -11.08 -11.32
CA VAL B 180 9.75 -10.92 -11.78
C VAL B 180 9.36 -9.45 -11.59
N LEU B 181 9.58 -8.88 -10.40
CA LEU B 181 9.12 -7.51 -10.11
C LEU B 181 9.88 -6.52 -10.98
N ARG B 182 11.16 -6.78 -11.27
CA ARG B 182 11.93 -5.87 -12.16
C ARG B 182 11.30 -5.92 -13.56
N ALA B 183 11.02 -7.12 -14.09
CA ALA B 183 10.44 -7.34 -15.44
C ALA B 183 9.09 -6.61 -15.53
N MET B 184 8.27 -6.75 -14.50
CA MET B 184 6.92 -6.12 -14.45
C MET B 184 7.10 -4.61 -14.49
N THR B 185 8.03 -4.10 -13.71
CA THR B 185 8.25 -2.65 -13.56
C THR B 185 8.73 -2.06 -14.88
N VAL B 186 9.72 -2.70 -15.51
CA VAL B 186 10.35 -2.22 -16.78
C VAL B 186 9.28 -2.18 -17.87
N ALA B 187 8.49 -3.26 -18.00
CA ALA B 187 7.41 -3.37 -19.00
C ALA B 187 6.35 -2.31 -18.73
N ALA B 188 5.95 -2.14 -17.47
CA ALA B 188 4.94 -1.15 -17.05
C ALA B 188 5.37 0.23 -17.53
N LEU B 189 6.63 0.61 -17.29
CA LEU B 189 7.11 1.98 -17.61
C LEU B 189 7.19 2.17 -19.14
N SER B 190 7.47 1.11 -19.89
CA SER B 190 7.55 1.16 -21.39
C SER B 190 6.15 1.39 -21.97
N ALA B 191 5.15 0.69 -21.44
CA ALA B 191 3.76 0.75 -21.95
C ALA B 191 3.11 2.10 -21.61
N ALA B 192 3.39 2.62 -20.40
CA ALA B 192 2.94 3.95 -19.96
C ALA B 192 3.46 4.98 -20.97
N ASP B 193 4.75 4.85 -21.32
CA ASP B 193 5.50 5.77 -22.23
C ASP B 193 4.83 5.76 -23.62
N ARG B 194 4.51 4.58 -24.17
CA ARG B 194 3.92 4.44 -25.53
C ARG B 194 2.41 4.72 -25.55
N CYS B 195 1.84 5.24 -24.45
CA CYS B 195 0.41 5.64 -24.41
C CYS B 195 0.26 7.15 -24.18
N LEU B 196 1.38 7.89 -24.01
CA LEU B 196 1.47 9.19 -23.26
C LEU B 196 2.67 10.05 -23.72
#